data_4M88
#
_entry.id   4M88
#
_cell.length_a   36.076
_cell.length_b   95.810
_cell.length_c   50.300
_cell.angle_alpha   90.00
_cell.angle_beta   111.56
_cell.angle_gamma   90.00
#
_symmetry.space_group_name_H-M   'P 1 21 1'
#
loop_
_entity.id
_entity.type
_entity.pdbx_description
1 polymer 'Extracellular ligand-binding receptor'
2 non-polymer GLYCEROL
3 water water
#
_entity_poly.entity_id   1
_entity_poly.type   'polypeptide(L)'
_entity_poly.pdbx_seq_one_letter_code
;SNAQIVLGQIGPFTGPLAADAAGLNQGIKAYLAQANKAGGIRGQKLTLFEADDRFSGEGFAEQFPKA(MSE)EKKPLALI
SP(MSE)GSAAIKR(MSE)LDDKLLDTAPVVVVNGVPGAESLRTPGHPKFFHVRAGDKQEIEEIVSHAQ(MSE)LG
(MSE)SKLATLYQDLPTGTSG(MSE)AVVQEAVKTVPGGKIELNGVKSGPDAAALAAAARQIAALGAQGVLVIGPPPFIV
AGIAALRKADVTQPLFVLSYVSAAQIVKVVGVAGARGVGIVQAFPDPNDK(MSE)LPVQREFQAA(MSE)KEAFPQ
(MSE)QEYTEFQLEGYLSARTVGEALKHPKNTGLSAANLAATLST(MSE)GEIDIGGFHLDFSKGNAGSRYVNIGVIGRD
GQVYY
;
_entity_poly.pdbx_strand_id   A
#
# COMPACT_ATOMS: atom_id res chain seq x y z
N ALA A 3 2.57 -25.30 -20.97
CA ALA A 3 2.11 -24.97 -19.63
C ALA A 3 2.42 -23.50 -19.30
N GLN A 4 1.63 -22.91 -18.42
CA GLN A 4 1.83 -21.52 -18.04
C GLN A 4 1.83 -21.35 -16.52
N ILE A 5 2.52 -20.30 -16.07
CA ILE A 5 2.52 -19.94 -14.66
C ILE A 5 1.36 -19.00 -14.43
N VAL A 6 0.39 -19.45 -13.63
CA VAL A 6 -0.81 -18.66 -13.38
C VAL A 6 -0.68 -17.84 -12.10
N LEU A 7 -0.99 -16.54 -12.21
CA LEU A 7 -1.05 -15.68 -11.03
C LEU A 7 -2.41 -15.03 -11.03
N GLY A 8 -2.91 -14.67 -9.85
CA GLY A 8 -4.23 -14.08 -9.78
C GLY A 8 -4.19 -12.74 -9.08
N GLN A 9 -5.04 -11.82 -9.51
CA GLN A 9 -5.26 -10.63 -8.71
C GLN A 9 -6.74 -10.48 -8.44
N ILE A 10 -7.10 -10.60 -7.16
CA ILE A 10 -8.45 -10.25 -6.74
C ILE A 10 -8.40 -8.84 -6.20
N GLY A 11 -9.24 -7.96 -6.73
CA GLY A 11 -9.11 -6.55 -6.41
C GLY A 11 -10.43 -5.82 -6.49
N PRO A 12 -10.50 -4.65 -5.86
CA PRO A 12 -11.73 -3.86 -5.89
C PRO A 12 -11.85 -3.07 -7.19
N PHE A 13 -12.03 -3.77 -8.31
CA PHE A 13 -12.05 -3.12 -9.62
C PHE A 13 -13.27 -2.24 -9.87
N THR A 14 -14.37 -2.54 -9.21
CA THR A 14 -15.51 -1.63 -9.22
C THR A 14 -15.72 -1.06 -7.82
N GLY A 15 -16.19 0.18 -7.74
CA GLY A 15 -16.40 0.82 -6.46
C GLY A 15 -15.40 1.93 -6.23
N PRO A 16 -15.31 2.40 -4.97
CA PRO A 16 -14.57 3.63 -4.67
C PRO A 16 -13.06 3.50 -4.81
N LEU A 17 -12.54 2.28 -4.91
CA LEU A 17 -11.11 2.10 -5.12
C LEU A 17 -10.77 1.68 -6.55
N ALA A 18 -11.70 1.86 -7.48
CA ALA A 18 -11.51 1.39 -8.85
C ALA A 18 -10.20 1.87 -9.49
N ALA A 19 -9.89 3.15 -9.31
CA ALA A 19 -8.68 3.72 -9.93
C ALA A 19 -7.41 3.14 -9.33
N ASP A 20 -7.42 2.90 -8.04
CA ASP A 20 -6.21 2.40 -7.39
C ASP A 20 -6.00 0.93 -7.69
N ALA A 21 -7.09 0.18 -7.80
CA ALA A 21 -7.03 -1.24 -8.16
C ALA A 21 -6.50 -1.36 -9.58
N ALA A 22 -6.94 -0.45 -10.45
CA ALA A 22 -6.46 -0.40 -11.83
C ALA A 22 -4.96 -0.11 -11.86
N GLY A 23 -4.49 0.74 -10.95
CA GLY A 23 -3.07 1.06 -10.85
C GLY A 23 -2.22 -0.14 -10.44
N LEU A 24 -2.64 -0.85 -9.41
CA LEU A 24 -1.96 -2.10 -9.03
C LEU A 24 -1.94 -3.05 -10.21
N ASN A 25 -3.08 -3.18 -10.89
CA ASN A 25 -3.20 -4.10 -12.01
C ASN A 25 -2.23 -3.72 -13.15
N GLN A 26 -2.14 -2.42 -13.44
CA GLN A 26 -1.24 -1.92 -14.47
C GLN A 26 0.22 -2.28 -14.18
N GLY A 27 0.62 -2.12 -12.93
CA GLY A 27 1.98 -2.42 -12.53
C GLY A 27 2.27 -3.90 -12.62
N ILE A 28 1.30 -4.71 -12.22
CA ILE A 28 1.47 -6.16 -12.30
C ILE A 28 1.63 -6.59 -13.77
N LYS A 29 0.76 -6.08 -14.64
CA LYS A 29 0.83 -6.44 -16.05
C LYS A 29 2.11 -5.96 -16.68
N ALA A 30 2.56 -4.77 -16.29
CA ALA A 30 3.80 -4.22 -16.79
C ALA A 30 4.96 -5.16 -16.46
N TYR A 31 5.03 -5.65 -15.23
CA TYR A 31 6.09 -6.61 -14.90
C TYR A 31 5.96 -7.91 -15.71
N LEU A 32 4.76 -8.48 -15.73
CA LEU A 32 4.54 -9.75 -16.42
C LEU A 32 4.92 -9.68 -17.90
N ALA A 33 4.61 -8.57 -18.56
CA ALA A 33 5.00 -8.39 -19.95
C ALA A 33 6.51 -8.34 -20.10
N GLN A 34 7.18 -7.64 -19.18
CA GLN A 34 8.62 -7.53 -19.16
C GLN A 34 9.19 -8.93 -18.92
N ALA A 35 8.63 -9.63 -17.94
CA ALA A 35 9.08 -10.99 -17.63
C ALA A 35 8.92 -11.94 -18.82
N ASN A 36 7.79 -11.83 -19.52
CA ASN A 36 7.56 -12.69 -20.69
C ASN A 36 8.44 -12.36 -21.88
N LYS A 37 8.75 -11.06 -22.05
CA LYS A 37 9.68 -10.65 -23.10
C LYS A 37 11.06 -11.24 -22.83
N ALA A 38 11.36 -11.47 -21.56
CA ALA A 38 12.65 -12.05 -21.15
C ALA A 38 12.58 -13.58 -21.08
N GLY A 39 11.54 -14.16 -21.67
CA GLY A 39 11.41 -15.61 -21.77
C GLY A 39 10.64 -16.30 -20.66
N GLY A 40 9.88 -15.54 -19.87
CA GLY A 40 9.13 -16.12 -18.76
C GLY A 40 10.05 -16.77 -17.75
N ILE A 41 9.56 -17.82 -17.11
CA ILE A 41 10.37 -18.50 -16.10
C ILE A 41 10.41 -20.01 -16.35
N ARG A 42 11.62 -20.57 -16.33
CA ARG A 42 11.83 -22.01 -16.47
C ARG A 42 11.07 -22.60 -17.66
N GLY A 43 11.15 -21.91 -18.81
CA GLY A 43 10.42 -22.36 -19.98
C GLY A 43 8.94 -22.03 -20.05
N GLN A 44 8.42 -21.21 -19.12
CA GLN A 44 6.98 -20.99 -19.05
C GLN A 44 6.55 -19.52 -18.98
N LYS A 45 5.54 -19.17 -19.79
CA LYS A 45 5.00 -17.81 -19.79
C LYS A 45 4.19 -17.56 -18.52
N LEU A 46 4.20 -16.31 -18.06
CA LEU A 46 3.40 -15.89 -16.92
C LEU A 46 2.06 -15.34 -17.40
N THR A 47 0.98 -15.75 -16.76
CA THR A 47 -0.33 -15.22 -17.11
C THR A 47 -1.03 -14.70 -15.87
N LEU A 48 -1.91 -13.73 -16.06
CA LEU A 48 -2.63 -13.14 -14.94
C LEU A 48 -4.12 -13.28 -15.19
N PHE A 49 -4.85 -13.74 -14.20
CA PHE A 49 -6.29 -13.59 -14.29
C PHE A 49 -6.71 -12.61 -13.21
N GLU A 50 -7.87 -12.01 -13.39
CA GLU A 50 -8.35 -10.98 -12.47
C GLU A 50 -9.75 -11.32 -12.04
N ALA A 51 -10.12 -10.82 -10.86
CA ALA A 51 -11.45 -11.03 -10.36
C ALA A 51 -11.79 -9.83 -9.50
N ASP A 52 -13.04 -9.35 -9.62
CA ASP A 52 -13.48 -8.15 -8.93
C ASP A 52 -14.18 -8.50 -7.63
N ASP A 53 -13.65 -8.02 -6.49
CA ASP A 53 -14.29 -8.25 -5.19
C ASP A 53 -15.22 -7.11 -4.80
N ARG A 54 -15.26 -6.08 -5.65
CA ARG A 54 -16.22 -4.97 -5.49
C ARG A 54 -16.07 -4.20 -4.18
N PHE A 55 -14.85 -4.17 -3.65
CA PHE A 55 -14.57 -3.51 -2.37
C PHE A 55 -15.44 -4.00 -1.23
N SER A 56 -15.58 -5.32 -1.11
CA SER A 56 -16.35 -5.91 -0.02
C SER A 56 -15.74 -7.23 0.44
N GLY A 57 -15.94 -7.58 1.70
CA GLY A 57 -15.50 -8.87 2.19
C GLY A 57 -16.29 -9.97 1.50
N GLU A 58 -17.59 -9.73 1.30
CA GLU A 58 -18.45 -10.72 0.64
C GLU A 58 -17.95 -11.02 -0.76
N GLY A 59 -17.55 -9.97 -1.47
CA GLY A 59 -17.07 -10.13 -2.82
C GLY A 59 -15.77 -10.92 -2.83
N PHE A 60 -14.92 -10.68 -1.84
CA PHE A 60 -13.66 -11.41 -1.77
C PHE A 60 -13.93 -12.89 -1.49
N ALA A 61 -14.76 -13.16 -0.50
CA ALA A 61 -15.15 -14.52 -0.15
C ALA A 61 -15.69 -15.28 -1.35
N GLU A 62 -16.51 -14.61 -2.16
CA GLU A 62 -17.05 -15.21 -3.38
C GLU A 62 -15.97 -15.52 -4.43
N GLN A 63 -15.04 -14.59 -4.62
CA GLN A 63 -14.04 -14.76 -5.67
C GLN A 63 -12.90 -15.71 -5.33
N PHE A 64 -12.59 -15.86 -4.04
CA PHE A 64 -11.44 -16.66 -3.66
C PHE A 64 -11.47 -18.10 -4.19
N PRO A 65 -12.57 -18.85 -3.95
CA PRO A 65 -12.53 -20.22 -4.45
C PRO A 65 -12.53 -20.28 -5.98
N LYS A 66 -13.18 -19.32 -6.63
CA LYS A 66 -13.15 -19.28 -8.10
C LYS A 66 -11.72 -19.06 -8.58
N ALA A 67 -10.98 -18.20 -7.87
CA ALA A 67 -9.59 -17.94 -8.18
C ALA A 67 -8.77 -19.21 -7.95
N GLU A 69 -9.61 -22.22 -8.18
CA GLU A 69 -9.88 -23.25 -9.19
C GLU A 69 -8.91 -23.15 -10.38
N LYS A 70 -8.33 -21.97 -10.58
CA LYS A 70 -7.39 -21.75 -11.68
C LYS A 70 -5.97 -22.19 -11.33
N LYS A 71 -5.80 -22.73 -10.12
CA LYS A 71 -4.51 -23.18 -9.61
C LYS A 71 -3.39 -22.13 -9.69
N PRO A 72 -3.66 -20.91 -9.17
CA PRO A 72 -2.59 -19.90 -9.23
C PRO A 72 -1.48 -20.25 -8.26
N LEU A 73 -0.24 -19.86 -8.58
CA LEU A 73 0.87 -20.02 -7.63
C LEU A 73 0.74 -18.97 -6.55
N ALA A 74 0.26 -17.80 -6.94
CA ALA A 74 0.19 -16.66 -6.03
C ALA A 74 -0.98 -15.76 -6.38
N LEU A 75 -1.54 -15.15 -5.33
CA LEU A 75 -2.46 -14.03 -5.49
C LEU A 75 -1.64 -12.79 -5.19
N ILE A 76 -1.73 -11.79 -6.06
CA ILE A 76 -0.85 -10.65 -5.96
C ILE A 76 -1.59 -9.45 -5.41
N SER A 77 -1.08 -8.93 -4.28
CA SER A 77 -1.51 -7.65 -3.71
C SER A 77 -3.04 -7.43 -3.64
N PRO A 78 -3.76 -8.29 -2.89
CA PRO A 78 -5.16 -7.93 -2.63
C PRO A 78 -5.24 -6.58 -1.93
N GLY A 80 -7.95 -3.79 0.05
CA GLY A 80 -9.21 -3.55 0.73
C GLY A 80 -9.20 -4.14 2.12
N SER A 81 -9.46 -3.30 3.12
CA SER A 81 -9.53 -3.75 4.51
C SER A 81 -10.51 -4.90 4.74
N ALA A 82 -11.74 -4.74 4.25
CA ALA A 82 -12.79 -5.73 4.47
C ALA A 82 -12.42 -7.04 3.83
N ALA A 83 -11.87 -6.97 2.61
CA ALA A 83 -11.46 -8.15 1.87
C ALA A 83 -10.38 -8.94 2.62
N ILE A 84 -9.29 -8.29 2.99
CA ILE A 84 -8.21 -8.99 3.70
C ILE A 84 -8.67 -9.52 5.06
N LYS A 85 -9.46 -8.73 5.77
CA LYS A 85 -10.01 -9.19 7.04
C LYS A 85 -10.84 -10.46 6.87
N ARG A 86 -11.65 -10.49 5.81
CA ARG A 86 -12.47 -11.66 5.52
C ARG A 86 -11.58 -12.86 5.19
N LEU A 88 -8.70 -13.47 6.31
CA LEU A 88 -8.07 -13.96 7.54
C LEU A 88 -9.11 -14.57 8.50
N ASP A 89 -10.27 -13.93 8.63
CA ASP A 89 -11.32 -14.42 9.53
C ASP A 89 -11.90 -15.76 9.09
N ASP A 90 -12.05 -15.94 7.77
CA ASP A 90 -12.62 -17.17 7.24
C ASP A 90 -11.57 -18.27 7.13
N LYS A 91 -10.34 -17.94 7.51
CA LYS A 91 -9.19 -18.86 7.46
C LYS A 91 -9.03 -19.52 6.09
N LEU A 92 -9.27 -18.72 5.04
CA LEU A 92 -9.25 -19.23 3.67
C LEU A 92 -7.88 -19.80 3.29
N LEU A 93 -6.82 -19.25 3.87
CA LEU A 93 -5.46 -19.66 3.52
C LEU A 93 -4.98 -20.95 4.19
N ASP A 94 -5.69 -21.41 5.22
CA ASP A 94 -5.22 -22.56 6.00
C ASP A 94 -4.91 -23.82 5.18
N THR A 95 -5.78 -24.14 4.22
CA THR A 95 -5.56 -25.35 3.42
C THR A 95 -5.44 -25.07 1.92
N ALA A 96 -5.44 -23.79 1.55
CA ALA A 96 -5.31 -23.44 0.14
C ALA A 96 -3.85 -23.44 -0.29
N PRO A 97 -3.51 -24.20 -1.35
CA PRO A 97 -2.13 -24.23 -1.84
C PRO A 97 -1.80 -22.98 -2.65
N VAL A 98 -1.58 -21.88 -1.95
CA VAL A 98 -1.32 -20.61 -2.61
C VAL A 98 -0.49 -19.74 -1.68
N VAL A 99 0.20 -18.76 -2.23
CA VAL A 99 0.82 -17.74 -1.41
C VAL A 99 0.21 -16.41 -1.80
N VAL A 100 0.05 -15.53 -0.83
CA VAL A 100 -0.48 -14.19 -1.11
C VAL A 100 0.68 -13.23 -0.95
N VAL A 101 0.97 -12.48 -2.01
CA VAL A 101 2.15 -11.63 -2.01
C VAL A 101 1.72 -10.19 -2.00
N ASN A 102 1.99 -9.54 -0.85
CA ASN A 102 1.59 -8.18 -0.54
C ASN A 102 0.11 -8.06 -0.19
N GLY A 103 -0.21 -7.02 0.56
CA GLY A 103 -1.57 -6.73 0.94
C GLY A 103 -1.65 -5.23 1.18
N VAL A 104 -2.76 -4.63 0.74
CA VAL A 104 -3.01 -3.21 0.96
C VAL A 104 -4.38 -3.09 1.60
N PRO A 105 -4.48 -2.40 2.75
CA PRO A 105 -3.45 -1.61 3.43
C PRO A 105 -2.58 -2.47 4.33
N GLY A 106 -1.46 -1.90 4.75
CA GLY A 106 -0.56 -2.56 5.68
C GLY A 106 -0.96 -2.38 7.14
N ALA A 107 -2.25 -2.43 7.41
CA ALA A 107 -2.75 -2.25 8.77
C ALA A 107 -2.15 -3.27 9.72
N GLU A 108 -1.86 -2.85 10.94
CA GLU A 108 -1.23 -3.75 11.91
C GLU A 108 -2.14 -4.93 12.19
N SER A 109 -3.46 -4.69 12.21
CA SER A 109 -4.42 -5.75 12.51
C SER A 109 -4.48 -6.85 11.45
N LEU A 110 -4.00 -6.54 10.24
CA LEU A 110 -4.02 -7.52 9.13
C LEU A 110 -2.67 -8.25 9.04
N ARG A 111 -1.67 -7.69 9.70
CA ARG A 111 -0.30 -8.16 9.59
C ARG A 111 0.08 -8.97 10.83
N THR A 112 -0.63 -8.72 11.93
CA THR A 112 -0.31 -9.34 13.20
C THR A 112 -1.61 -9.88 13.79
N PRO A 113 -1.74 -11.22 13.86
CA PRO A 113 -0.72 -12.22 13.52
C PRO A 113 -0.53 -12.47 12.02
N GLY A 114 -1.44 -11.98 11.18
CA GLY A 114 -1.37 -12.27 9.75
C GLY A 114 -1.53 -13.75 9.48
N HIS A 115 -0.82 -14.26 8.48
CA HIS A 115 -0.89 -15.67 8.16
C HIS A 115 0.43 -16.09 7.52
N PRO A 116 0.90 -17.31 7.83
CA PRO A 116 2.20 -17.71 7.28
C PRO A 116 2.25 -17.82 5.76
N LYS A 117 1.10 -17.82 5.08
CA LYS A 117 1.11 -17.82 3.62
C LYS A 117 0.96 -16.41 3.02
N PHE A 118 0.91 -15.40 3.89
CA PHE A 118 0.61 -14.02 3.50
C PHE A 118 1.90 -13.21 3.71
N PHE A 119 2.50 -12.77 2.60
CA PHE A 119 3.81 -12.10 2.63
C PHE A 119 3.61 -10.63 2.33
N HIS A 120 4.42 -9.75 2.95
CA HIS A 120 4.20 -8.32 2.78
C HIS A 120 5.40 -7.66 2.13
N VAL A 121 5.16 -6.94 1.04
CA VAL A 121 6.24 -6.28 0.32
C VAL A 121 6.39 -4.82 0.81
N ARG A 122 5.28 -4.18 1.17
CA ARG A 122 5.36 -2.82 1.69
C ARG A 122 5.59 -2.84 3.19
N ALA A 123 6.25 -1.81 3.70
CA ALA A 123 6.38 -1.63 5.14
C ALA A 123 4.97 -1.48 5.73
N GLY A 124 4.82 -1.85 7.00
CA GLY A 124 3.51 -1.77 7.62
C GLY A 124 3.12 -0.36 8.05
N ASP A 125 1.81 -0.14 8.22
CA ASP A 125 1.28 1.10 8.75
C ASP A 125 1.95 1.45 10.07
N LYS A 126 2.31 0.46 10.88
CA LYS A 126 2.86 0.76 12.19
C LYS A 126 4.20 1.48 12.09
N GLN A 127 5.06 0.97 11.21
CA GLN A 127 6.36 1.60 11.02
C GLN A 127 6.20 2.96 10.36
N GLU A 128 5.28 3.07 9.41
CA GLU A 128 5.01 4.37 8.80
C GLU A 128 4.53 5.40 9.82
N ILE A 129 3.62 4.99 10.69
CA ILE A 129 3.10 5.88 11.74
C ILE A 129 4.16 6.27 12.76
N GLU A 130 5.03 5.32 13.12
CA GLU A 130 6.13 5.64 14.04
C GLU A 130 7.05 6.68 13.41
N GLU A 131 7.33 6.52 12.13
CA GLU A 131 8.12 7.48 11.36
C GLU A 131 7.46 8.87 11.30
N ILE A 132 6.15 8.90 11.08
CA ILE A 132 5.42 10.17 11.03
C ILE A 132 5.53 10.89 12.38
N VAL A 133 5.36 10.14 13.46
CA VAL A 133 5.39 10.77 14.77
C VAL A 133 6.80 11.29 15.10
N SER A 134 7.82 10.54 14.69
CA SER A 134 9.21 11.01 14.82
C SER A 134 9.42 12.31 14.02
N HIS A 135 8.90 12.32 12.80
CA HIS A 135 9.06 13.46 11.90
C HIS A 135 8.36 14.69 12.50
N ALA A 136 7.16 14.47 13.04
CA ALA A 136 6.41 15.57 13.64
C ALA A 136 7.20 16.22 14.77
N GLN A 137 7.87 15.40 15.57
CA GLN A 137 8.71 15.96 16.61
C GLN A 137 9.88 16.79 16.09
N LEU A 139 9.74 18.52 13.50
CA LEU A 139 9.17 19.78 13.03
C LEU A 139 8.81 20.67 14.22
N GLY A 140 9.13 20.20 15.42
CA GLY A 140 8.91 21.00 16.62
C GLY A 140 7.51 20.87 17.18
N SER A 142 4.33 19.60 19.35
CA SER A 142 4.00 19.03 20.64
C SER A 142 2.52 18.66 20.71
N LYS A 143 1.75 19.03 19.69
CA LYS A 143 0.35 18.64 19.63
C LYS A 143 -0.06 18.16 18.24
N LEU A 144 -0.55 16.93 18.18
CA LEU A 144 -0.93 16.29 16.91
C LEU A 144 -2.40 15.89 16.95
N ALA A 145 -3.10 16.07 15.83
CA ALA A 145 -4.45 15.55 15.70
C ALA A 145 -4.42 14.43 14.66
N THR A 146 -5.31 13.46 14.78
CA THR A 146 -5.45 12.41 13.76
C THR A 146 -6.91 12.39 13.32
N LEU A 147 -7.12 12.42 12.00
CA LEU A 147 -8.45 12.22 11.42
C LEU A 147 -8.50 10.81 10.86
N TYR A 148 -9.42 9.96 11.33
CA TYR A 148 -9.41 8.58 10.82
C TYR A 148 -10.81 8.07 10.52
N GLN A 149 -10.92 7.19 9.53
CA GLN A 149 -12.24 6.69 9.15
C GLN A 149 -12.66 5.60 10.13
N ASP A 150 -13.94 5.59 10.46
CA ASP A 150 -14.53 4.61 11.37
C ASP A 150 -14.66 3.26 10.69
N LEU A 151 -13.54 2.55 10.64
CA LEU A 151 -13.40 1.25 9.99
C LEU A 151 -12.45 0.49 10.90
N PRO A 152 -12.53 -0.85 10.91
CA PRO A 152 -11.59 -1.60 11.77
C PRO A 152 -10.11 -1.26 11.55
N THR A 153 -9.67 -1.14 10.30
CA THR A 153 -8.27 -0.80 10.02
C THR A 153 -7.93 0.66 10.37
N GLY A 154 -8.94 1.52 10.37
CA GLY A 154 -8.77 2.89 10.82
C GLY A 154 -8.59 2.94 12.32
N THR A 155 -9.43 2.19 13.04
CA THR A 155 -9.29 2.07 14.50
C THR A 155 -7.94 1.46 14.86
N SER A 156 -7.49 0.50 14.04
CA SER A 156 -6.19 -0.12 14.24
C SER A 156 -5.09 0.93 14.09
N GLY A 157 -5.21 1.75 13.05
CA GLY A 157 -4.28 2.84 12.84
C GLY A 157 -4.28 3.80 14.03
N ALA A 159 -5.09 3.27 17.14
CA ALA A 159 -4.45 2.65 18.31
C ALA A 159 -2.93 2.67 18.15
N VAL A 160 -2.46 2.47 16.92
CA VAL A 160 -1.01 2.51 16.66
C VAL A 160 -0.47 3.92 16.90
N VAL A 161 -1.18 4.93 16.44
CA VAL A 161 -0.77 6.32 16.69
C VAL A 161 -0.67 6.58 18.19
N GLN A 162 -1.68 6.13 18.95
CA GLN A 162 -1.67 6.38 20.39
C GLN A 162 -0.45 5.76 21.05
N GLU A 163 -0.10 4.54 20.63
CA GLU A 163 1.05 3.85 21.22
C GLU A 163 2.36 4.52 20.79
N ALA A 164 2.42 4.97 19.54
CA ALA A 164 3.60 5.64 19.01
C ALA A 164 3.87 6.94 19.73
N VAL A 165 2.82 7.71 19.98
CA VAL A 165 2.95 9.01 20.63
C VAL A 165 3.39 8.85 22.09
N LYS A 166 2.93 7.79 22.74
CA LYS A 166 3.27 7.66 24.14
C LYS A 166 4.67 7.08 24.35
N THR A 167 5.29 6.60 23.28
CA THR A 167 6.67 6.12 23.32
C THR A 167 7.64 6.80 22.34
N VAL A 168 7.38 8.04 21.91
CA VAL A 168 8.39 8.71 21.09
C VAL A 168 9.47 9.32 21.95
N PRO A 169 10.74 9.08 21.57
CA PRO A 169 11.89 9.40 22.43
C PRO A 169 12.19 10.87 22.58
N GLY A 170 11.50 11.75 21.87
CA GLY A 170 11.81 13.16 21.99
C GLY A 170 11.06 13.80 23.15
N GLY A 171 10.01 13.14 23.61
CA GLY A 171 9.24 13.64 24.74
C GLY A 171 7.75 13.59 24.48
N LYS A 172 6.99 14.29 25.33
CA LYS A 172 5.53 14.23 25.30
C LYS A 172 4.90 15.00 24.15
N ILE A 173 4.04 14.31 23.40
CA ILE A 173 3.19 14.94 22.41
C ILE A 173 1.76 14.74 22.85
N GLU A 174 0.97 15.81 22.83
CA GLU A 174 -0.46 15.66 23.10
C GLU A 174 -1.13 15.20 21.82
N LEU A 175 -1.96 14.17 21.93
CA LEU A 175 -2.62 13.62 20.75
C LEU A 175 -4.13 13.68 20.85
N ASN A 176 -4.79 14.18 19.81
CA ASN A 176 -6.24 14.09 19.74
C ASN A 176 -6.65 13.30 18.51
N GLY A 177 -7.62 12.41 18.65
CA GLY A 177 -8.01 11.60 17.51
C GLY A 177 -9.48 11.79 17.22
N VAL A 178 -9.79 12.13 15.98
CA VAL A 178 -11.17 12.43 15.58
C VAL A 178 -11.64 11.42 14.57
N LYS A 179 -12.68 10.67 14.92
CA LYS A 179 -13.20 9.63 14.03
C LYS A 179 -14.24 10.25 13.10
N SER A 180 -14.36 9.72 11.89
CA SER A 180 -15.35 10.24 10.94
C SER A 180 -15.88 9.15 10.03
N GLY A 181 -17.15 9.28 9.66
CA GLY A 181 -17.71 8.47 8.59
C GLY A 181 -17.14 8.97 7.28
N PRO A 182 -17.31 8.18 6.21
CA PRO A 182 -16.61 8.55 4.97
C PRO A 182 -17.34 9.61 4.15
N ASP A 183 -18.60 9.90 4.47
CA ASP A 183 -19.39 10.87 3.70
C ASP A 183 -18.94 12.33 3.87
N ALA A 184 -19.28 13.17 2.88
CA ALA A 184 -18.83 14.55 2.86
C ALA A 184 -19.30 15.34 4.09
N ALA A 185 -20.54 15.12 4.48
CA ALA A 185 -21.11 15.81 5.65
C ALA A 185 -20.39 15.42 6.94
N ALA A 186 -20.09 14.14 7.09
CA ALA A 186 -19.36 13.69 8.28
C ALA A 186 -17.96 14.30 8.33
N LEU A 187 -17.28 14.31 7.18
CA LEU A 187 -15.94 14.85 7.12
C LEU A 187 -15.87 16.35 7.38
N ALA A 188 -16.88 17.10 6.94
CA ALA A 188 -16.89 18.55 7.17
C ALA A 188 -16.99 18.82 8.67
N ALA A 189 -17.81 18.02 9.34
CA ALA A 189 -17.98 18.17 10.79
C ALA A 189 -16.70 17.78 11.52
N ALA A 190 -16.07 16.69 11.06
CA ALA A 190 -14.82 16.24 11.67
C ALA A 190 -13.74 17.30 11.50
N ALA A 191 -13.72 17.93 10.33
CA ALA A 191 -12.70 18.93 10.02
C ALA A 191 -12.89 20.17 10.89
N ARG A 192 -14.14 20.56 11.11
CA ARG A 192 -14.45 21.67 12.01
C ARG A 192 -13.97 21.39 13.42
N GLN A 193 -14.14 20.15 13.88
CA GLN A 193 -13.64 19.77 15.21
C GLN A 193 -12.12 19.88 15.26
N ILE A 194 -11.45 19.37 14.23
CA ILE A 194 -9.99 19.41 14.19
C ILE A 194 -9.49 20.85 14.15
N ALA A 195 -10.20 21.70 13.42
CA ALA A 195 -9.82 23.11 13.31
C ALA A 195 -9.85 23.83 14.65
N ALA A 196 -10.65 23.30 15.58
CA ALA A 196 -10.81 23.92 16.88
C ALA A 196 -9.74 23.50 17.90
N LEU A 197 -8.87 22.57 17.52
CA LEU A 197 -7.95 21.94 18.49
C LEU A 197 -6.62 22.64 18.72
N GLY A 198 -6.21 23.49 17.79
CA GLY A 198 -4.90 24.12 17.91
C GLY A 198 -3.76 23.12 17.77
N ALA A 199 -3.99 22.08 16.98
CA ALA A 199 -2.93 21.12 16.70
C ALA A 199 -1.95 21.73 15.70
N GLN A 200 -0.69 21.29 15.77
CA GLN A 200 0.34 21.78 14.87
C GLN A 200 0.47 20.97 13.59
N GLY A 201 -0.12 19.78 13.58
CA GLY A 201 -0.08 18.92 12.42
C GLY A 201 -1.23 17.94 12.51
N VAL A 202 -1.64 17.38 11.37
CA VAL A 202 -2.77 16.46 11.35
C VAL A 202 -2.45 15.23 10.51
N LEU A 203 -2.60 14.05 11.10
CA LEU A 203 -2.48 12.78 10.38
C LEU A 203 -3.84 12.38 9.85
N VAL A 204 -3.91 11.96 8.59
CA VAL A 204 -5.16 11.43 8.05
C VAL A 204 -5.00 9.94 7.74
N ILE A 205 -5.86 9.12 8.32
CA ILE A 205 -5.74 7.65 8.21
C ILE A 205 -7.01 7.04 7.66
N GLY A 206 -6.91 6.28 6.58
CA GLY A 206 -8.08 5.65 6.01
C GLY A 206 -7.81 5.16 4.61
N PRO A 207 -8.84 4.59 3.96
CA PRO A 207 -8.71 4.15 2.57
C PRO A 207 -8.44 5.37 1.70
N PRO A 208 -7.82 5.15 0.53
CA PRO A 208 -7.46 6.25 -0.38
C PRO A 208 -8.52 7.34 -0.62
N PRO A 209 -9.80 6.97 -0.91
CA PRO A 209 -10.72 8.10 -1.16
C PRO A 209 -10.98 8.94 0.11
N PHE A 210 -10.89 8.31 1.28
CA PHE A 210 -11.05 9.02 2.54
C PHE A 210 -9.89 9.98 2.78
N ILE A 211 -8.69 9.59 2.40
CA ILE A 211 -7.54 10.47 2.57
C ILE A 211 -7.72 11.73 1.72
N VAL A 212 -8.07 11.55 0.46
CA VAL A 212 -8.27 12.68 -0.43
C VAL A 212 -9.40 13.59 0.06
N ALA A 213 -10.53 12.98 0.39
CA ALA A 213 -11.67 13.75 0.88
C ALA A 213 -11.36 14.43 2.20
N GLY A 214 -10.56 13.77 3.06
CA GLY A 214 -10.21 14.32 4.35
C GLY A 214 -9.29 15.53 4.22
N ILE A 215 -8.33 15.43 3.32
CA ILE A 215 -7.46 16.57 3.04
C ILE A 215 -8.30 17.75 2.57
N ALA A 216 -9.20 17.51 1.63
CA ALA A 216 -9.98 18.61 1.08
C ALA A 216 -10.84 19.25 2.17
N ALA A 217 -11.42 18.42 3.03
CA ALA A 217 -12.27 18.92 4.10
C ALA A 217 -11.47 19.75 5.10
N LEU A 218 -10.27 19.27 5.43
CA LEU A 218 -9.39 20.00 6.34
C LEU A 218 -9.00 21.37 5.74
N ARG A 219 -8.57 21.40 4.49
CA ARG A 219 -8.21 22.66 3.84
C ARG A 219 -9.39 23.62 3.81
N LYS A 220 -10.57 23.11 3.50
CA LYS A 220 -11.79 23.92 3.49
C LYS A 220 -12.16 24.46 4.88
N ALA A 221 -11.75 23.74 5.93
CA ALA A 221 -11.99 24.20 7.29
C ALA A 221 -10.86 25.11 7.77
N ASP A 222 -10.01 25.55 6.83
CA ASP A 222 -8.89 26.45 7.10
C ASP A 222 -7.85 25.82 8.02
N VAL A 223 -7.70 24.50 7.93
CA VAL A 223 -6.58 23.84 8.59
C VAL A 223 -5.41 23.95 7.62
N THR A 224 -4.54 24.93 7.85
CA THR A 224 -3.42 25.20 6.98
C THR A 224 -2.14 24.50 7.45
N GLN A 225 -2.24 23.83 8.59
CA GLN A 225 -1.10 23.11 9.18
C GLN A 225 -0.65 21.96 8.29
N PRO A 226 0.60 21.50 8.47
CA PRO A 226 1.06 20.29 7.74
C PRO A 226 0.11 19.13 7.97
N LEU A 227 -0.17 18.38 6.90
CA LEU A 227 -0.99 17.19 6.99
C LEU A 227 -0.09 16.03 6.62
N PHE A 228 -0.27 14.89 7.26
CA PHE A 228 0.57 13.73 6.98
C PHE A 228 -0.33 12.56 6.61
N VAL A 229 0.09 11.81 5.59
CA VAL A 229 -0.70 10.66 5.17
C VAL A 229 0.23 9.49 4.93
N LEU A 230 -0.33 8.28 4.97
CA LEU A 230 0.45 7.08 4.74
C LEU A 230 0.49 6.74 3.26
N SER A 231 1.08 5.58 2.93
CA SER A 231 1.33 5.20 1.54
C SER A 231 0.08 4.81 0.75
N TYR A 232 -0.90 5.71 0.65
CA TYR A 232 -2.17 5.34 -0.02
C TYR A 232 -2.71 6.32 -1.05
N VAL A 233 -2.00 7.42 -1.27
CA VAL A 233 -2.43 8.42 -2.25
C VAL A 233 -1.20 8.91 -3.02
N SER A 234 -1.42 9.44 -4.23
CA SER A 234 -0.34 10.07 -4.99
C SER A 234 -0.48 11.58 -4.81
N ALA A 235 0.62 12.31 -4.97
CA ALA A 235 0.55 13.77 -4.91
C ALA A 235 -0.39 14.28 -6.00
N ALA A 236 -0.40 13.60 -7.13
CA ALA A 236 -1.24 14.01 -8.25
C ALA A 236 -2.72 14.02 -7.86
N GLN A 237 -3.15 13.01 -7.11
CA GLN A 237 -4.56 12.89 -6.70
C GLN A 237 -4.93 14.03 -5.77
N ILE A 238 -3.98 14.41 -4.93
CA ILE A 238 -4.21 15.51 -3.98
C ILE A 238 -4.30 16.85 -4.72
N VAL A 239 -3.39 17.10 -5.67
CA VAL A 239 -3.40 18.34 -6.45
C VAL A 239 -4.65 18.47 -7.33
N LYS A 240 -5.11 17.34 -7.86
CA LYS A 240 -6.33 17.31 -8.67
C LYS A 240 -7.49 17.96 -7.91
N VAL A 241 -7.57 17.68 -6.61
CA VAL A 241 -8.70 18.13 -5.80
C VAL A 241 -8.50 19.51 -5.16
N VAL A 242 -7.39 19.71 -4.46
CA VAL A 242 -7.17 20.97 -3.74
C VAL A 242 -6.15 21.92 -4.36
N GLY A 243 -5.57 21.52 -5.50
CA GLY A 243 -4.63 22.37 -6.18
C GLY A 243 -3.26 22.35 -5.52
N VAL A 244 -2.29 23.00 -6.14
CA VAL A 244 -0.96 23.09 -5.56
C VAL A 244 -1.04 23.83 -4.22
N ALA A 245 -1.88 24.85 -4.19
CA ALA A 245 -2.14 25.62 -2.97
C ALA A 245 -2.51 24.75 -1.77
N GLY A 246 -3.43 23.81 -1.96
CA GLY A 246 -3.86 22.98 -0.84
C GLY A 246 -2.94 21.80 -0.60
N ALA A 247 -2.22 21.40 -1.64
CA ALA A 247 -1.42 20.18 -1.54
C ALA A 247 -0.06 20.43 -0.89
N ARG A 248 0.47 21.63 -1.05
CA ARG A 248 1.79 21.94 -0.52
C ARG A 248 1.80 21.74 0.99
N GLY A 249 2.85 21.13 1.50
CA GLY A 249 2.93 20.91 2.93
C GLY A 249 2.38 19.57 3.38
N VAL A 250 1.75 18.84 2.47
CA VAL A 250 1.31 17.48 2.80
C VAL A 250 2.51 16.53 2.73
N GLY A 251 2.75 15.81 3.81
CA GLY A 251 3.78 14.78 3.81
C GLY A 251 3.17 13.42 3.52
N ILE A 252 3.79 12.67 2.62
CA ILE A 252 3.32 11.33 2.26
C ILE A 252 4.41 10.34 2.65
N VAL A 253 4.09 9.39 3.51
CA VAL A 253 5.06 8.36 3.86
C VAL A 253 5.07 7.34 2.74
N GLN A 254 6.24 7.11 2.15
CA GLN A 254 6.35 6.21 1.01
C GLN A 254 6.93 4.88 1.44
N ALA A 255 6.37 3.78 0.92
CA ALA A 255 6.87 2.45 1.23
C ALA A 255 7.82 1.96 0.13
N PHE A 256 7.94 2.76 -0.93
CA PHE A 256 8.74 2.37 -2.08
C PHE A 256 9.45 3.61 -2.58
N PRO A 257 10.54 3.43 -3.37
CA PRO A 257 11.19 4.58 -4.02
C PRO A 257 10.19 5.32 -4.88
N ASP A 258 10.45 6.59 -5.16
CA ASP A 258 9.49 7.37 -5.92
C ASP A 258 9.32 6.79 -7.31
N PRO A 259 8.07 6.61 -7.76
CA PRO A 259 7.77 5.99 -9.07
C PRO A 259 8.18 6.87 -10.25
N ASN A 260 8.44 8.15 -9.98
CA ASN A 260 8.78 9.06 -11.06
C ASN A 260 10.23 9.55 -11.06
N ASP A 261 11.02 9.11 -10.10
CA ASP A 261 12.44 9.47 -10.06
C ASP A 261 13.27 8.35 -10.69
N LYS A 262 14.52 8.66 -11.03
CA LYS A 262 15.32 7.75 -11.84
C LYS A 262 16.64 7.34 -11.17
N LEU A 264 17.42 4.88 -8.81
CA LEU A 264 17.73 3.45 -8.65
C LEU A 264 17.46 2.64 -9.92
N PRO A 265 18.19 1.53 -10.11
CA PRO A 265 17.91 0.64 -11.24
C PRO A 265 16.45 0.18 -11.27
N VAL A 266 15.86 -0.08 -10.11
CA VAL A 266 14.48 -0.59 -10.09
C VAL A 266 13.48 0.49 -10.57
N GLN A 267 13.78 1.76 -10.30
CA GLN A 267 12.94 2.84 -10.81
C GLN A 267 12.97 2.87 -12.33
N ARG A 268 14.15 2.70 -12.91
CA ARG A 268 14.28 2.76 -14.36
C ARG A 268 13.65 1.53 -15.03
N GLU A 269 13.81 0.37 -14.42
CA GLU A 269 13.20 -0.86 -14.92
C GLU A 269 11.67 -0.82 -14.85
N PHE A 270 11.14 -0.28 -13.77
CA PHE A 270 9.72 -0.07 -13.64
C PHE A 270 9.25 0.89 -14.74
N GLN A 271 9.94 2.01 -14.89
CA GLN A 271 9.53 2.99 -15.90
C GLN A 271 9.60 2.40 -17.30
N ALA A 272 10.63 1.60 -17.56
CA ALA A 272 10.75 0.95 -18.87
C ALA A 272 9.59 -0.01 -19.10
N ALA A 273 9.19 -0.73 -18.06
CA ALA A 273 8.08 -1.68 -18.16
C ALA A 273 6.77 -0.94 -18.43
N LYS A 275 6.45 2.08 -19.94
CA LYS A 275 6.41 2.68 -21.29
C LYS A 275 5.98 1.63 -22.31
N GLU A 276 6.51 0.42 -22.14
CA GLU A 276 6.23 -0.67 -23.06
C GLU A 276 4.75 -1.07 -23.01
N ALA A 277 4.22 -1.22 -21.81
CA ALA A 277 2.86 -1.73 -21.61
C ALA A 277 1.80 -0.64 -21.75
N PHE A 278 2.11 0.56 -21.28
CA PHE A 278 1.15 1.66 -21.28
C PHE A 278 1.78 2.95 -21.76
N PRO A 279 2.11 3.01 -23.07
CA PRO A 279 2.88 4.14 -23.61
C PRO A 279 2.20 5.51 -23.51
N GLN A 280 0.88 5.55 -23.40
CA GLN A 280 0.20 6.85 -23.30
C GLN A 280 0.46 7.52 -21.96
N GLN A 282 1.98 9.36 -18.90
CA GLN A 282 3.00 10.39 -18.84
C GLN A 282 3.63 10.46 -17.46
N GLU A 283 2.91 9.94 -16.47
CA GLU A 283 3.32 10.04 -15.08
C GLU A 283 2.86 8.78 -14.37
N TYR A 284 3.61 8.33 -13.35
CA TYR A 284 3.26 7.08 -12.66
C TYR A 284 2.84 7.28 -11.21
N THR A 285 2.21 6.26 -10.63
CA THR A 285 1.78 6.33 -9.23
C THR A 285 2.45 5.25 -8.38
N GLU A 286 2.33 5.42 -7.06
CA GLU A 286 2.86 4.47 -6.10
C GLU A 286 2.17 3.11 -6.20
N PHE A 287 0.88 3.11 -6.55
CA PHE A 287 0.18 1.83 -6.71
C PHE A 287 0.66 1.04 -7.93
N GLN A 288 0.98 1.73 -9.01
CA GLN A 288 1.59 1.05 -10.15
C GLN A 288 2.91 0.42 -9.73
N LEU A 289 3.73 1.15 -9.00
CA LEU A 289 5.02 0.62 -8.59
C LEU A 289 4.85 -0.52 -7.61
N GLU A 290 3.86 -0.42 -6.72
CA GLU A 290 3.58 -1.49 -5.77
C GLU A 290 3.17 -2.77 -6.49
N GLY A 291 2.36 -2.63 -7.53
CA GLY A 291 1.91 -3.80 -8.28
C GLY A 291 3.08 -4.42 -9.01
N TYR A 292 3.92 -3.58 -9.60
CA TYR A 292 5.11 -4.05 -10.29
C TYR A 292 6.05 -4.81 -9.35
N LEU A 293 6.32 -4.25 -8.17
CA LEU A 293 7.24 -4.88 -7.22
C LEU A 293 6.65 -6.15 -6.60
N SER A 294 5.33 -6.17 -6.43
CA SER A 294 4.71 -7.33 -5.84
C SER A 294 4.83 -8.50 -6.81
N ALA A 295 4.56 -8.23 -8.08
CA ALA A 295 4.69 -9.25 -9.13
C ALA A 295 6.15 -9.62 -9.33
N ARG A 296 7.04 -8.64 -9.31
CA ARG A 296 8.45 -8.93 -9.53
C ARG A 296 9.06 -9.78 -8.40
N THR A 297 8.55 -9.61 -7.18
CA THR A 297 8.98 -10.45 -6.06
C THR A 297 8.70 -11.92 -6.35
N VAL A 298 7.53 -12.21 -6.88
CA VAL A 298 7.20 -13.57 -7.28
C VAL A 298 8.15 -14.05 -8.38
N GLY A 299 8.38 -13.20 -9.37
CA GLY A 299 9.28 -13.51 -10.46
C GLY A 299 10.69 -13.79 -9.99
N GLU A 300 11.22 -12.93 -9.12
CA GLU A 300 12.58 -13.13 -8.65
C GLU A 300 12.72 -14.39 -7.79
N ALA A 301 11.69 -14.70 -7.00
CA ALA A 301 11.73 -15.93 -6.23
C ALA A 301 11.72 -17.15 -7.15
N LEU A 302 10.86 -17.13 -8.17
CA LEU A 302 10.77 -18.29 -9.05
C LEU A 302 12.04 -18.52 -9.87
N LYS A 303 12.80 -17.44 -10.13
CA LYS A 303 14.03 -17.52 -10.93
C LYS A 303 15.25 -17.76 -10.06
N HIS A 304 15.06 -17.71 -8.75
CA HIS A 304 16.17 -17.79 -7.82
C HIS A 304 16.86 -19.15 -7.92
N PRO A 305 18.20 -19.19 -7.86
CA PRO A 305 18.96 -20.44 -7.99
C PRO A 305 18.49 -21.52 -7.02
N LYS A 306 17.99 -21.12 -5.85
CA LYS A 306 17.52 -22.09 -4.85
C LYS A 306 16.21 -22.76 -5.23
N ASN A 307 15.38 -22.06 -6.00
CA ASN A 307 14.07 -22.59 -6.36
C ASN A 307 14.18 -23.81 -7.26
N THR A 308 13.32 -24.80 -7.02
CA THR A 308 13.45 -26.06 -7.75
C THR A 308 12.19 -26.43 -8.54
N GLY A 309 11.17 -25.58 -8.51
CA GLY A 309 9.95 -25.87 -9.23
C GLY A 309 8.95 -24.74 -9.33
N LEU A 310 7.81 -25.04 -9.96
CA LEU A 310 6.77 -24.05 -10.20
C LEU A 310 5.46 -24.41 -9.51
N SER A 311 5.52 -24.70 -8.21
CA SER A 311 4.29 -24.85 -7.43
C SER A 311 4.23 -23.76 -6.36
N ALA A 312 3.06 -23.61 -5.73
CA ALA A 312 2.91 -22.68 -4.62
C ALA A 312 3.87 -23.06 -3.49
N ALA A 313 4.01 -24.36 -3.25
CA ALA A 313 4.94 -24.85 -2.23
C ALA A 313 6.39 -24.45 -2.54
N ASN A 314 6.81 -24.59 -3.79
CA ASN A 314 8.14 -24.11 -4.19
C ASN A 314 8.31 -22.63 -3.92
N LEU A 315 7.31 -21.85 -4.32
CA LEU A 315 7.38 -20.40 -4.17
C LEU A 315 7.49 -20.02 -2.68
N ALA A 316 6.63 -20.58 -1.85
CA ALA A 316 6.68 -20.29 -0.42
C ALA A 316 8.00 -20.71 0.20
N ALA A 317 8.50 -21.88 -0.19
CA ALA A 317 9.76 -22.38 0.33
C ALA A 317 10.87 -21.41 -0.03
N THR A 318 10.82 -20.90 -1.25
CA THR A 318 11.90 -20.02 -1.73
C THR A 318 11.85 -18.63 -1.08
N LEU A 319 10.66 -18.00 -1.06
CA LEU A 319 10.50 -16.72 -0.39
C LEU A 319 11.11 -16.73 1.01
N SER A 320 10.85 -17.80 1.77
CA SER A 320 11.26 -17.86 3.16
C SER A 320 12.70 -18.26 3.39
N THR A 321 13.38 -18.76 2.36
CA THR A 321 14.74 -19.28 2.55
C THR A 321 15.80 -18.65 1.64
N GLY A 323 16.82 -15.65 1.63
CA GLY A 323 17.54 -14.58 2.32
C GLY A 323 17.25 -13.24 1.68
N GLU A 324 18.15 -12.28 1.89
CA GLU A 324 17.96 -10.94 1.34
C GLU A 324 18.16 -10.91 -0.16
N ILE A 325 17.19 -10.36 -0.88
CA ILE A 325 17.38 -10.13 -2.30
C ILE A 325 17.39 -8.63 -2.56
N ASP A 326 18.10 -8.25 -3.60
CA ASP A 326 18.19 -6.86 -4.01
C ASP A 326 17.49 -6.72 -5.37
N ILE A 327 16.30 -6.13 -5.38
CA ILE A 327 15.58 -5.88 -6.62
C ILE A 327 15.88 -4.47 -7.11
N GLY A 328 16.95 -4.33 -7.91
CA GLY A 328 17.35 -3.04 -8.44
C GLY A 328 17.50 -1.93 -7.43
N GLY A 329 17.92 -2.27 -6.21
CA GLY A 329 18.08 -1.26 -5.18
C GLY A 329 17.03 -1.32 -4.10
N PHE A 330 15.94 -2.03 -4.36
CA PHE A 330 14.91 -2.23 -3.35
C PHE A 330 15.10 -3.61 -2.74
N HIS A 331 15.36 -3.64 -1.45
CA HIS A 331 15.71 -4.88 -0.77
C HIS A 331 14.49 -5.50 -0.11
N LEU A 332 14.47 -6.84 -0.10
CA LEU A 332 13.43 -7.59 0.58
C LEU A 332 14.09 -8.77 1.25
N ASP A 333 13.58 -9.12 2.43
CA ASP A 333 14.09 -10.28 3.17
C ASP A 333 12.95 -10.86 3.98
N PHE A 334 12.60 -12.12 3.73
CA PHE A 334 11.59 -12.81 4.50
C PHE A 334 12.20 -13.88 5.43
N SER A 335 13.50 -13.76 5.70
CA SER A 335 14.21 -14.73 6.55
C SER A 335 13.71 -14.75 8.00
N LYS A 336 13.27 -13.60 8.48
CA LYS A 336 12.94 -13.43 9.89
C LYS A 336 11.44 -13.38 10.11
N GLY A 337 10.68 -13.45 9.02
CA GLY A 337 9.24 -13.35 9.11
C GLY A 337 8.67 -12.88 7.79
N ASN A 338 7.34 -12.73 7.76
CA ASN A 338 6.67 -12.48 6.48
C ASN A 338 6.61 -11.02 6.05
N ALA A 339 7.11 -10.12 6.89
CA ALA A 339 7.23 -8.70 6.50
C ALA A 339 8.61 -8.48 5.90
N GLY A 340 8.66 -8.24 4.60
CA GLY A 340 9.92 -8.27 3.88
C GLY A 340 10.63 -6.94 3.78
N SER A 341 9.95 -5.85 4.11
CA SER A 341 10.54 -4.53 3.92
C SER A 341 10.42 -3.64 5.15
N ARG A 342 11.49 -2.94 5.49
CA ARG A 342 11.41 -1.86 6.49
C ARG A 342 11.71 -0.48 5.86
N TYR A 343 11.60 -0.41 4.54
CA TYR A 343 11.79 0.86 3.83
C TYR A 343 10.64 1.83 4.11
N VAL A 344 10.97 3.00 4.66
CA VAL A 344 9.97 4.04 4.83
C VAL A 344 10.65 5.37 4.54
N ASN A 345 10.02 6.22 3.73
CA ASN A 345 10.65 7.47 3.34
C ASN A 345 9.58 8.54 3.21
N ILE A 346 9.71 9.62 3.97
CA ILE A 346 8.67 10.64 3.94
C ILE A 346 8.96 11.67 2.87
N GLY A 347 8.02 11.84 1.94
CA GLY A 347 8.11 12.89 0.95
C GLY A 347 7.22 14.04 1.39
N VAL A 348 7.56 15.27 1.01
CA VAL A 348 6.67 16.39 1.30
C VAL A 348 6.38 17.11 0.00
N ILE A 349 5.11 17.41 -0.25
CA ILE A 349 4.74 18.16 -1.45
C ILE A 349 5.19 19.61 -1.32
N GLY A 350 6.06 20.05 -2.24
CA GLY A 350 6.61 21.39 -2.15
C GLY A 350 5.68 22.43 -2.72
N ARG A 351 6.11 23.69 -2.67
CA ARG A 351 5.30 24.78 -3.20
C ARG A 351 5.14 24.67 -4.71
N ASP A 352 5.99 23.87 -5.35
CA ASP A 352 5.90 23.65 -6.79
C ASP A 352 5.05 22.44 -7.15
N GLY A 353 4.41 21.83 -6.15
CA GLY A 353 3.58 20.66 -6.40
C GLY A 353 4.33 19.35 -6.55
N GLN A 354 5.65 19.37 -6.40
CA GLN A 354 6.48 18.17 -6.56
C GLN A 354 6.82 17.59 -5.20
N VAL A 355 7.07 16.27 -5.14
CA VAL A 355 7.41 15.64 -3.87
C VAL A 355 8.91 15.66 -3.64
N TYR A 356 9.33 16.11 -2.46
CA TYR A 356 10.75 16.18 -2.12
C TYR A 356 11.04 15.28 -0.94
N TYR A 357 12.21 14.65 -0.95
CA TYR A 357 12.61 13.70 0.09
C TYR A 357 13.85 14.14 0.87
#